data_3DJ0
#
_entry.id   3DJ0
#
_cell.length_a   54.541
_cell.length_b   79.095
_cell.length_c   142.535
_cell.angle_alpha   90.00
_cell.angle_beta   90.00
_cell.angle_gamma   90.00
#
_symmetry.space_group_name_H-M   'P 21 21 21'
#
loop_
_entity.id
_entity.type
_entity.pdbx_description
1 polymer 'RNA (174-MER)'
2 non-polymer 'POTASSIUM ION'
3 non-polymer 'SODIUM ION'
4 non-polymer O-(2-aminoethyl)-L-serine
5 water water
#
_entity_poly.entity_id   1
_entity_poly.type   'polyribonucleotide'
_entity_poly.pdbx_seq_one_letter_code
;GGCCGACGGAGGCGCGCCCGAGAUGAGUAGGCUGUCCCAUCAGGGGAGGAAUCGGGGACGGCUGAAAGGCGAGGGCGCCG
AAGGGUGCAGAGUUCCUCCCGCUCUGCAUGCCUGGGGGUAUGGGGAAUACCCAUACCACUGUCACGGAGGUCUCUCCGUG
GAGAGCCGUCGGU(CCC)
;
_entity_poly.pdbx_strand_id   A
#